data_3TSI
#
_entry.id   3TSI
#
_cell.length_a   101.276
_cell.length_b   101.276
_cell.length_c   85.713
_cell.angle_alpha   90.000
_cell.angle_beta   90.000
_cell.angle_gamma   120.000
#
_symmetry.space_group_name_H-M   'P 32 2 1'
#
loop_
_entity.id
_entity.type
_entity.pdbx_description
1 polymer Hemagglutinin-neuraminidase
2 water water
#
_entity_poly.entity_id   1
_entity_poly.type   'polypeptide(L)'
_entity_poly.pdbx_seq_one_letter_code
;SPSSGLGSITDLLNNILSVANQIIYNSAVALPLQLDTLESTLLTAIKSLQTSDKLEQNCSWSAAL
;
_entity_poly.pdbx_strand_id   A,B,C,D
#
# COMPACT_ATOMS: atom_id res chain seq x y z
N SER A 1 -11.76 20.63 27.64
CA SER A 1 -12.57 21.63 28.33
C SER A 1 -14.03 21.37 28.02
N PRO A 2 -14.89 21.40 29.05
CA PRO A 2 -16.16 20.67 29.07
C PRO A 2 -17.24 21.13 28.09
N SER A 3 -17.80 20.18 27.34
CA SER A 3 -17.24 18.85 27.17
C SER A 3 -16.53 18.74 25.81
N SER A 4 -16.48 19.86 25.09
CA SER A 4 -16.02 19.87 23.69
C SER A 4 -14.57 19.45 23.41
N GLY A 5 -13.64 19.79 24.31
CA GLY A 5 -12.26 19.41 24.14
C GLY A 5 -12.13 17.91 23.92
N LEU A 6 -12.69 17.13 24.88
CA LEU A 6 -12.80 15.67 24.77
C LEU A 6 -13.54 15.29 23.48
N GLY A 7 -14.66 15.98 23.23
CA GLY A 7 -15.47 15.77 22.05
C GLY A 7 -14.80 16.07 20.71
N SER A 8 -14.06 17.18 20.63
CA SER A 8 -13.38 17.54 19.38
C SER A 8 -12.19 16.64 19.09
N ILE A 9 -11.43 16.33 20.13
CA ILE A 9 -10.32 15.40 20.02
C ILE A 9 -10.88 14.02 19.69
N THR A 10 -11.94 13.62 20.39
CA THR A 10 -12.56 12.32 20.12
C THR A 10 -13.03 12.18 18.67
N ASP A 11 -13.52 13.28 18.10
CA ASP A 11 -14.04 13.25 16.74
C ASP A 11 -12.94 13.12 15.68
N LEU A 12 -11.82 13.81 15.88
CA LEU A 12 -10.70 13.69 14.96
C LEU A 12 -10.13 12.27 15.03
N LEU A 13 -9.98 11.77 16.24
CA LEU A 13 -9.47 10.42 16.41
C LEU A 13 -10.40 9.44 15.71
N ASN A 14 -11.71 9.63 15.86
CA ASN A 14 -12.68 8.80 15.13
C ASN A 14 -12.55 8.87 13.60
N ASN A 15 -12.36 10.07 13.05
CA ASN A 15 -12.07 10.19 11.61
C ASN A 15 -10.84 9.39 11.21
N ILE A 16 -9.76 9.57 11.95
CA ILE A 16 -8.48 8.97 11.65
C ILE A 16 -8.57 7.45 11.68
N LEU A 17 -9.31 6.92 12.65
CA LEU A 17 -9.49 5.48 12.77
C LEU A 17 -10.29 4.90 11.61
N SER A 18 -11.26 5.65 11.10
CA SER A 18 -12.05 5.15 9.97
C SER A 18 -11.24 5.17 8.67
N VAL A 19 -10.45 6.22 8.47
CA VAL A 19 -9.54 6.26 7.31
C VAL A 19 -8.50 5.13 7.36
N ALA A 20 -7.81 4.99 8.49
CA ALA A 20 -6.84 3.93 8.63
C ALA A 20 -7.51 2.58 8.38
N ASN A 21 -8.71 2.40 8.92
CA ASN A 21 -9.49 1.19 8.63
C ASN A 21 -9.70 0.98 7.11
N GLN A 22 -10.01 2.06 6.40
CA GLN A 22 -10.10 1.98 4.93
C GLN A 22 -8.74 1.68 4.30
N ILE A 23 -7.67 2.25 4.84
CA ILE A 23 -6.33 1.99 4.28
C ILE A 23 -5.91 0.55 4.45
N ILE A 24 -6.31 -0.07 5.55
CA ILE A 24 -5.96 -1.45 5.82
C ILE A 24 -6.81 -2.38 4.92
N TYR A 25 -8.02 -1.94 4.59
CA TYR A 25 -8.83 -2.63 3.58
C TYR A 25 -8.16 -2.60 2.20
N ASN A 26 -7.76 -1.41 1.78
CA ASN A 26 -7.06 -1.24 0.50
C ASN A 26 -5.81 -2.10 0.39
N SER A 27 -5.03 -2.15 1.45
CA SER A 27 -3.75 -2.83 1.42
C SER A 27 -3.83 -4.34 1.65
N ALA A 28 -4.77 -4.78 2.48
CA ALA A 28 -4.89 -6.21 2.76
C ALA A 28 -5.93 -6.98 1.95
N VAL A 29 -6.84 -6.26 1.29
CA VAL A 29 -7.90 -6.91 0.53
C VAL A 29 -7.87 -6.47 -0.94
N ALA A 30 -8.07 -5.17 -1.19
CA ALA A 30 -8.18 -4.66 -2.55
C ALA A 30 -6.95 -4.92 -3.43
N LEU A 31 -5.79 -4.43 -3.01
CA LEU A 31 -4.59 -4.59 -3.81
C LEU A 31 -4.16 -6.05 -3.98
N PRO A 32 -4.18 -6.83 -2.88
CA PRO A 32 -3.87 -8.24 -3.08
C PRO A 32 -4.81 -8.88 -4.10
N LEU A 33 -6.09 -8.51 -4.09
CA LEU A 33 -7.03 -9.04 -5.09
C LEU A 33 -6.64 -8.57 -6.50
N GLN A 34 -6.26 -7.30 -6.62
CA GLN A 34 -5.85 -6.77 -7.92
C GLN A 34 -4.61 -7.44 -8.47
N LEU A 35 -3.66 -7.79 -7.60
CA LEU A 35 -2.45 -8.50 -8.02
C LEU A 35 -2.74 -9.95 -8.44
N ASP A 36 -3.65 -10.62 -7.73
CA ASP A 36 -4.03 -11.98 -8.12
C ASP A 36 -4.66 -12.00 -9.52
N THR A 37 -5.50 -11.01 -9.79
CA THR A 37 -6.20 -10.94 -11.07
C THR A 37 -5.20 -10.63 -12.18
N LEU A 38 -4.24 -9.78 -11.86
CA LEU A 38 -3.19 -9.40 -12.79
C LEU A 38 -2.28 -10.58 -13.13
N GLU A 39 -1.90 -11.33 -12.09
CA GLU A 39 -1.08 -12.51 -12.29
C GLU A 39 -1.69 -13.44 -13.33
N SER A 40 -2.97 -13.80 -13.11
CA SER A 40 -3.65 -14.78 -13.93
C SER A 40 -3.96 -14.29 -15.36
N THR A 41 -4.21 -12.99 -15.50
CA THR A 41 -4.36 -12.38 -16.81
C THR A 41 -3.08 -12.53 -17.62
N LEU A 42 -1.96 -12.10 -17.02
CA LEU A 42 -0.66 -12.19 -17.67
C LEU A 42 -0.25 -13.64 -17.82
N LEU A 43 -0.49 -14.43 -16.77
CA LEU A 43 -0.17 -15.85 -16.83
C LEU A 43 -0.93 -16.53 -17.97
N THR A 44 -2.16 -16.07 -18.23
CA THR A 44 -2.95 -16.63 -19.32
C THR A 44 -2.41 -16.18 -20.69
N ALA A 45 -2.00 -14.91 -20.77
CA ALA A 45 -1.49 -14.39 -22.03
C ALA A 45 -0.21 -15.11 -22.42
N ILE A 46 0.62 -15.42 -21.42
CA ILE A 46 1.89 -16.10 -21.66
C ILE A 46 1.70 -17.55 -22.06
N LYS A 47 0.80 -18.25 -21.37
CA LYS A 47 0.49 -19.64 -21.74
C LYS A 47 -0.20 -19.70 -23.10
N SER A 48 -0.68 -18.55 -23.57
CA SER A 48 -1.42 -18.51 -24.83
C SER A 48 -0.45 -18.53 -26.00
N LEU A 49 0.85 -18.53 -25.70
CA LEU A 49 1.88 -18.47 -26.74
C LEU A 49 2.22 -19.83 -27.37
N GLN A 50 2.93 -20.67 -26.62
CA GLN A 50 3.54 -21.91 -27.14
C GLN A 50 3.16 -22.24 -28.59
N SER B 4 1.58 24.77 24.50
CA SER B 4 1.00 23.63 23.80
C SER B 4 -0.09 22.94 24.61
N GLY B 5 -1.31 23.47 24.49
CA GLY B 5 -2.49 22.93 25.13
C GLY B 5 -3.27 22.09 24.15
N LEU B 6 -4.60 22.10 24.26
CA LEU B 6 -5.48 21.30 23.39
C LEU B 6 -5.29 21.65 21.90
N GLY B 7 -4.99 22.92 21.62
CA GLY B 7 -4.82 23.37 20.23
C GLY B 7 -3.73 22.66 19.44
N SER B 8 -2.53 22.54 20.02
CA SER B 8 -1.42 21.91 19.31
C SER B 8 -1.64 20.42 19.10
N ILE B 9 -2.25 19.77 20.08
CA ILE B 9 -2.70 18.40 19.93
C ILE B 9 -3.69 18.28 18.76
N THR B 10 -4.50 19.31 18.58
CA THR B 10 -5.44 19.36 17.46
C THR B 10 -4.71 19.59 16.14
N ASP B 11 -3.58 20.28 16.18
CA ASP B 11 -2.75 20.39 14.99
C ASP B 11 -2.18 19.02 14.63
N LEU B 12 -1.61 18.34 15.61
CA LEU B 12 -1.07 17.00 15.38
C LEU B 12 -2.11 16.11 14.72
N LEU B 13 -3.31 16.10 15.30
CA LEU B 13 -4.41 15.31 14.76
C LEU B 13 -4.71 15.64 13.29
N ASN B 14 -4.77 16.92 12.96
CA ASN B 14 -4.97 17.34 11.58
C ASN B 14 -3.83 16.91 10.67
N ASN B 15 -2.60 16.95 11.19
CA ASN B 15 -1.47 16.52 10.39
C ASN B 15 -1.59 15.03 10.10
N ILE B 16 -1.91 14.26 11.13
CA ILE B 16 -2.11 12.82 10.95
C ILE B 16 -3.26 12.52 10.00
N LEU B 17 -4.39 13.20 10.15
CA LEU B 17 -5.51 12.96 9.25
C LEU B 17 -5.13 13.29 7.80
N SER B 18 -4.49 14.43 7.58
CA SER B 18 -4.04 14.78 6.23
C SER B 18 -3.12 13.71 5.62
N VAL B 19 -2.11 13.26 6.37
CA VAL B 19 -1.21 12.23 5.86
C VAL B 19 -1.98 10.94 5.57
N ALA B 20 -2.88 10.57 6.47
CA ALA B 20 -3.70 9.38 6.26
C ALA B 20 -4.46 9.49 4.94
N ASN B 21 -5.03 10.67 4.67
CA ASN B 21 -5.67 10.91 3.37
C ASN B 21 -4.74 10.68 2.18
N GLN B 22 -3.50 11.18 2.26
CA GLN B 22 -2.55 10.96 1.17
C GLN B 22 -2.37 9.47 0.98
N ILE B 23 -2.39 8.71 2.07
CA ILE B 23 -2.20 7.26 1.97
C ILE B 23 -3.39 6.58 1.30
N ILE B 24 -4.58 7.17 1.44
CA ILE B 24 -5.75 6.71 0.74
C ILE B 24 -5.56 6.91 -0.77
N TYR B 25 -5.09 8.08 -1.17
CA TYR B 25 -4.79 8.36 -2.57
C TYR B 25 -3.81 7.36 -3.17
N ASN B 26 -2.70 7.14 -2.49
CA ASN B 26 -1.66 6.21 -2.97
C ASN B 26 -2.18 4.79 -3.16
N SER B 27 -2.93 4.31 -2.19
CA SER B 27 -3.36 2.92 -2.15
C SER B 27 -4.62 2.62 -2.94
N ALA B 28 -5.55 3.57 -3.00
CA ALA B 28 -6.77 3.41 -3.78
C ALA B 28 -6.76 4.03 -5.19
N VAL B 29 -5.79 4.89 -5.48
CA VAL B 29 -5.75 5.54 -6.79
C VAL B 29 -4.45 5.28 -7.52
N ALA B 30 -3.33 5.73 -6.95
CA ALA B 30 -2.03 5.67 -7.63
C ALA B 30 -1.53 4.25 -7.87
N LEU B 31 -1.57 3.39 -6.86
CA LEU B 31 -1.08 2.02 -7.05
C LEU B 31 -1.98 1.22 -7.98
N PRO B 32 -3.31 1.28 -7.77
CA PRO B 32 -4.17 0.56 -8.73
C PRO B 32 -3.92 1.04 -10.18
N LEU B 33 -3.79 2.34 -10.37
CA LEU B 33 -3.56 2.88 -11.71
C LEU B 33 -2.18 2.46 -12.26
N GLN B 34 -1.18 2.43 -11.38
CA GLN B 34 0.15 1.99 -11.79
C GLN B 34 0.07 0.53 -12.22
N LEU B 35 -0.67 -0.27 -11.47
CA LEU B 35 -0.80 -1.67 -11.83
C LEU B 35 -1.50 -1.82 -13.19
N ASP B 36 -2.51 -0.99 -13.45
CA ASP B 36 -3.20 -1.07 -14.75
C ASP B 36 -2.24 -0.75 -15.89
N THR B 37 -1.47 0.31 -15.74
CA THR B 37 -0.49 0.72 -16.75
C THR B 37 0.52 -0.41 -17.00
N LEU B 38 0.97 -1.03 -15.93
CA LEU B 38 1.93 -2.11 -16.04
C LEU B 38 1.31 -3.30 -16.76
N GLU B 39 0.08 -3.65 -16.38
CA GLU B 39 -0.65 -4.77 -16.99
C GLU B 39 -0.72 -4.56 -18.49
N SER B 40 -1.01 -3.32 -18.88
CA SER B 40 -1.18 -2.99 -20.28
C SER B 40 0.14 -3.09 -21.08
N THR B 41 1.23 -2.59 -20.51
CA THR B 41 2.54 -2.64 -21.15
C THR B 41 3.03 -4.07 -21.41
N LEU B 42 2.79 -4.96 -20.46
CA LEU B 42 3.20 -6.35 -20.58
C LEU B 42 2.30 -7.12 -21.55
N LEU B 43 1.02 -6.75 -21.55
CA LEU B 43 0.04 -7.37 -22.42
C LEU B 43 0.38 -7.08 -23.88
N THR B 44 0.68 -5.83 -24.18
CA THR B 44 1.16 -5.47 -25.50
C THR B 44 2.43 -6.24 -25.90
N ALA B 45 3.42 -6.27 -25.02
CA ALA B 45 4.67 -6.95 -25.31
C ALA B 45 4.51 -8.44 -25.55
N ILE B 46 3.69 -9.09 -24.73
CA ILE B 46 3.41 -10.51 -24.93
C ILE B 46 2.72 -10.73 -26.27
N LYS B 47 1.84 -9.78 -26.61
CA LYS B 47 1.07 -9.85 -27.84
C LYS B 47 1.97 -9.66 -29.07
N SER B 48 3.04 -8.88 -28.92
CA SER B 48 3.98 -8.68 -30.02
C SER B 48 4.80 -9.93 -30.29
N LEU B 49 4.75 -10.90 -29.38
CA LEU B 49 5.34 -12.20 -29.64
C LEU B 49 4.39 -13.02 -30.53
N GLN B 50 3.10 -12.91 -30.27
CA GLN B 50 2.06 -13.63 -31.01
C GLN B 50 2.12 -13.35 -32.50
N THR B 51 1.77 -12.13 -32.87
CA THR B 51 1.75 -11.73 -34.27
C THR B 51 3.10 -11.18 -34.70
N SER C 1 -13.72 2.15 34.49
CA SER C 1 -12.33 2.59 34.48
C SER C 1 -12.22 4.04 34.92
N PRO C 2 -11.23 4.35 35.78
CA PRO C 2 -11.13 5.68 36.39
C PRO C 2 -10.83 6.75 35.36
N SER C 3 -11.37 7.94 35.57
CA SER C 3 -11.20 9.03 34.60
C SER C 3 -9.74 9.36 34.33
N SER C 4 -8.86 9.16 35.32
CA SER C 4 -7.44 9.44 35.13
C SER C 4 -6.90 8.72 33.90
N GLY C 5 -7.49 7.59 33.56
CA GLY C 5 -7.07 6.80 32.42
C GLY C 5 -7.48 7.36 31.06
N LEU C 6 -8.36 8.36 31.08
CA LEU C 6 -8.81 9.07 29.87
C LEU C 6 -9.77 8.32 28.94
N GLY C 7 -9.98 7.03 29.15
CA GLY C 7 -11.17 6.40 28.62
C GLY C 7 -11.24 6.35 27.09
N SER C 8 -12.23 7.04 26.54
CA SER C 8 -12.42 7.12 25.10
C SER C 8 -11.09 7.33 24.39
N ILE C 9 -10.43 8.44 24.67
CA ILE C 9 -9.18 8.83 24.01
C ILE C 9 -8.12 7.73 23.97
N THR C 10 -7.90 7.08 25.11
CA THR C 10 -6.82 6.11 25.21
C THR C 10 -7.05 4.87 24.33
N ASP C 11 -8.30 4.41 24.24
CA ASP C 11 -8.60 3.24 23.41
C ASP C 11 -8.46 3.56 21.93
N LEU C 12 -8.88 4.76 21.55
CA LEU C 12 -8.75 5.20 20.17
C LEU C 12 -7.28 5.24 19.75
N LEU C 13 -6.43 5.87 20.56
CA LEU C 13 -5.01 5.93 20.25
C LEU C 13 -4.37 4.55 20.14
N ASN C 14 -4.76 3.62 21.00
CA ASN C 14 -4.27 2.25 20.87
C ASN C 14 -4.75 1.56 19.58
N ASN C 15 -6.02 1.69 19.23
CA ASN C 15 -6.52 1.13 17.97
C ASN C 15 -5.78 1.68 16.74
N ILE C 16 -5.67 3.00 16.66
CA ILE C 16 -4.98 3.64 15.54
C ILE C 16 -3.53 3.18 15.43
N LEU C 17 -2.89 2.96 16.57
CA LEU C 17 -1.50 2.52 16.59
C LEU C 17 -1.44 1.08 16.09
N SER C 18 -2.29 0.24 16.65
CA SER C 18 -2.40 -1.12 16.19
C SER C 18 -2.62 -1.22 14.66
N VAL C 19 -3.48 -0.36 14.12
CA VAL C 19 -3.83 -0.45 12.70
C VAL C 19 -2.68 0.07 11.84
N ALA C 20 -2.14 1.21 12.24
CA ALA C 20 -1.00 1.77 11.55
C ALA C 20 0.10 0.72 11.45
N ASN C 21 0.35 0.01 12.55
CA ASN C 21 1.35 -1.06 12.52
C ASN C 21 1.04 -2.16 11.51
N GLN C 22 -0.20 -2.61 11.47
CA GLN C 22 -0.57 -3.64 10.52
C GLN C 22 -0.43 -3.09 9.08
N ILE C 23 -0.66 -1.79 8.89
CA ILE C 23 -0.49 -1.22 7.55
C ILE C 23 0.98 -1.22 7.16
N ILE C 24 1.85 -0.91 8.13
CA ILE C 24 3.30 -0.94 7.92
C ILE C 24 3.73 -2.33 7.45
N TYR C 25 3.27 -3.35 8.15
CA TYR C 25 3.57 -4.73 7.77
C TYR C 25 3.11 -5.08 6.37
N ASN C 26 1.93 -4.58 5.98
CA ASN C 26 1.38 -4.94 4.68
C ASN C 26 2.13 -4.29 3.53
N SER C 27 2.58 -3.06 3.74
CA SER C 27 3.29 -2.32 2.70
C SER C 27 4.78 -2.66 2.64
N ALA C 28 5.37 -2.93 3.79
CA ALA C 28 6.79 -3.28 3.88
C ALA C 28 7.12 -4.76 3.64
N VAL C 29 6.24 -5.65 4.05
CA VAL C 29 6.51 -7.08 3.99
C VAL C 29 5.54 -7.86 3.10
N ALA C 30 4.25 -7.85 3.43
CA ALA C 30 3.29 -8.73 2.74
C ALA C 30 3.14 -8.45 1.25
N LEU C 31 2.95 -7.20 0.88
CA LEU C 31 2.84 -6.84 -0.54
C LEU C 31 4.11 -7.11 -1.34
N PRO C 32 5.28 -6.77 -0.77
CA PRO C 32 6.55 -7.15 -1.43
C PRO C 32 6.67 -8.65 -1.62
N LEU C 33 6.29 -9.44 -0.61
CA LEU C 33 6.37 -10.88 -0.76
C LEU C 33 5.48 -11.35 -1.89
N GLN C 34 4.32 -10.73 -2.02
CA GLN C 34 3.37 -11.12 -3.05
C GLN C 34 3.87 -10.70 -4.42
N LEU C 35 4.51 -9.54 -4.49
CA LEU C 35 5.10 -9.10 -5.76
C LEU C 35 6.19 -10.07 -6.21
N ASP C 36 7.10 -10.43 -5.33
CA ASP C 36 8.12 -11.41 -5.68
C ASP C 36 7.51 -12.74 -6.13
N THR C 37 6.55 -13.25 -5.36
CA THR C 37 5.88 -14.48 -5.74
C THR C 37 5.23 -14.36 -7.12
N LEU C 38 4.73 -13.18 -7.43
CA LEU C 38 4.16 -12.91 -8.76
C LEU C 38 5.21 -12.96 -9.87
N GLU C 39 6.31 -12.24 -9.68
CA GLU C 39 7.39 -12.18 -10.66
C GLU C 39 7.93 -13.59 -10.99
N SER C 40 8.21 -14.40 -9.95
CA SER C 40 8.66 -15.78 -10.15
C SER C 40 7.68 -16.56 -11.02
N THR C 41 6.40 -16.51 -10.66
CA THR C 41 5.39 -17.26 -11.39
C THR C 41 5.45 -16.93 -12.87
N LEU C 42 5.54 -15.65 -13.19
CA LEU C 42 5.60 -15.24 -14.60
C LEU C 42 6.92 -15.61 -15.27
N LEU C 43 8.03 -15.38 -14.58
CA LEU C 43 9.34 -15.77 -15.09
C LEU C 43 9.38 -17.28 -15.35
N THR C 44 8.93 -18.06 -14.37
CA THR C 44 8.88 -19.52 -14.50
C THR C 44 8.03 -19.91 -15.72
N ALA C 45 6.96 -19.18 -15.97
CA ALA C 45 6.10 -19.47 -17.12
C ALA C 45 6.80 -19.12 -18.43
N ILE C 46 7.73 -18.17 -18.36
CA ILE C 46 8.52 -17.80 -19.52
C ILE C 46 9.67 -18.79 -19.70
N LYS C 47 10.28 -19.16 -18.58
CA LYS C 47 11.36 -20.13 -18.56
C LYS C 47 10.92 -21.47 -19.15
N SER C 48 9.61 -21.70 -19.16
CA SER C 48 9.11 -22.98 -19.61
C SER C 48 8.77 -23.01 -21.10
N LEU C 49 8.93 -21.88 -21.79
CA LEU C 49 8.97 -21.94 -23.26
C LEU C 49 10.42 -21.98 -23.79
N GLN C 50 11.39 -21.70 -22.90
CA GLN C 50 12.80 -21.57 -23.30
C GLN C 50 13.66 -22.71 -22.72
N LEU D 6 5.53 17.85 27.76
CA LEU D 6 4.55 17.12 26.97
C LEU D 6 5.26 15.99 26.25
N GLY D 7 4.69 14.78 26.27
CA GLY D 7 3.52 14.44 27.07
C GLY D 7 2.96 13.14 26.50
N SER D 8 2.12 12.44 27.25
CA SER D 8 1.68 11.11 26.85
C SER D 8 0.90 11.13 25.54
N ILE D 9 -0.20 11.86 25.49
CA ILE D 9 -0.96 11.93 24.24
C ILE D 9 -0.10 12.51 23.12
N THR D 10 0.67 13.53 23.43
CA THR D 10 1.58 14.13 22.46
C THR D 10 2.61 13.12 21.99
N ASP D 11 3.14 12.31 22.92
CA ASP D 11 4.08 11.25 22.53
C ASP D 11 3.39 10.22 21.61
N LEU D 12 2.22 9.70 22.00
CA LEU D 12 1.54 8.72 21.16
C LEU D 12 1.27 9.29 19.78
N LEU D 13 0.76 10.52 19.73
CA LEU D 13 0.47 11.15 18.44
C LEU D 13 1.73 11.30 17.59
N ASN D 14 2.83 11.73 18.21
CA ASN D 14 4.09 11.82 17.49
C ASN D 14 4.52 10.47 16.92
N ASN D 15 4.27 9.38 17.67
CA ASN D 15 4.62 8.05 17.13
C ASN D 15 3.74 7.69 15.93
N ILE D 16 2.43 7.83 16.11
CA ILE D 16 1.49 7.56 15.03
C ILE D 16 1.91 8.35 13.79
N LEU D 17 2.15 9.65 13.94
CA LEU D 17 2.54 10.44 12.78
C LEU D 17 3.77 9.84 12.12
N SER D 18 4.74 9.47 12.95
CA SER D 18 5.98 8.93 12.45
C SER D 18 5.77 7.64 11.63
N VAL D 19 4.92 6.74 12.13
CA VAL D 19 4.60 5.53 11.38
C VAL D 19 3.88 5.90 10.08
N ALA D 20 2.98 6.87 10.17
CA ALA D 20 2.29 7.34 8.99
C ALA D 20 3.26 7.85 7.92
N ASN D 21 4.21 8.70 8.28
CA ASN D 21 5.16 9.21 7.28
C ASN D 21 5.94 8.08 6.62
N GLN D 22 6.22 7.03 7.38
CA GLN D 22 6.88 5.86 6.83
C GLN D 22 5.93 5.09 5.88
N ILE D 23 4.63 5.08 6.19
CA ILE D 23 3.69 4.41 5.30
C ILE D 23 3.61 5.18 3.98
N ILE D 24 3.75 6.50 4.05
CA ILE D 24 3.77 7.34 2.85
C ILE D 24 4.99 7.00 1.97
N TYR D 25 6.15 6.79 2.60
CA TYR D 25 7.35 6.38 1.86
C TYR D 25 7.16 5.01 1.21
N ASN D 26 6.64 4.05 1.97
CA ASN D 26 6.46 2.70 1.46
C ASN D 26 5.53 2.65 0.24
N SER D 27 4.45 3.39 0.32
CA SER D 27 3.40 3.36 -0.69
C SER D 27 3.61 4.32 -1.90
N ALA D 28 4.29 5.43 -1.67
CA ALA D 28 4.63 6.37 -2.74
C ALA D 28 6.03 6.27 -3.34
N VAL D 29 6.93 5.52 -2.71
CA VAL D 29 8.31 5.43 -3.20
C VAL D 29 8.75 3.97 -3.36
N ALA D 30 8.76 3.22 -2.26
CA ALA D 30 9.23 1.84 -2.34
C ALA D 30 8.36 0.93 -3.22
N LEU D 31 7.05 0.94 -3.06
CA LEU D 31 6.20 0.06 -3.87
C LEU D 31 6.20 0.43 -5.34
N PRO D 32 6.02 1.72 -5.65
CA PRO D 32 6.10 2.07 -7.08
C PRO D 32 7.44 1.69 -7.71
N LEU D 33 8.50 1.73 -6.92
CA LEU D 33 9.81 1.34 -7.43
C LEU D 33 9.81 -0.16 -7.71
N GLN D 34 9.14 -0.93 -6.87
CA GLN D 34 9.10 -2.39 -7.10
C GLN D 34 8.25 -2.75 -8.29
N LEU D 35 7.14 -2.03 -8.48
CA LEU D 35 6.32 -2.19 -9.68
C LEU D 35 7.12 -1.85 -10.96
N ASP D 36 7.78 -0.69 -10.99
CA ASP D 36 8.62 -0.32 -12.15
C ASP D 36 9.66 -1.40 -12.49
N THR D 37 10.28 -1.96 -11.45
CA THR D 37 11.35 -2.93 -11.65
C THR D 37 10.81 -4.28 -12.12
N LEU D 38 9.69 -4.69 -11.53
CA LEU D 38 8.92 -5.85 -11.99
C LEU D 38 8.61 -5.71 -13.50
N GLU D 39 8.06 -4.58 -13.89
CA GLU D 39 7.80 -4.29 -15.31
C GLU D 39 9.07 -4.45 -16.15
N SER D 40 10.12 -3.76 -15.73
CA SER D 40 11.37 -3.76 -16.47
C SER D 40 11.89 -5.19 -16.64
N THR D 41 11.93 -5.91 -15.52
CA THR D 41 12.48 -7.27 -15.50
C THR D 41 11.72 -8.21 -16.44
N LEU D 42 10.39 -8.12 -16.43
CA LEU D 42 9.54 -8.97 -17.28
C LEU D 42 9.65 -8.61 -18.77
N LEU D 43 9.50 -7.33 -19.09
CA LEU D 43 9.77 -6.84 -20.45
C LEU D 43 11.10 -7.37 -20.97
N THR D 44 12.10 -7.40 -20.09
CA THR D 44 13.44 -7.84 -20.50
C THR D 44 13.44 -9.34 -20.76
N ALA D 45 12.74 -10.10 -19.94
CA ALA D 45 12.62 -11.54 -20.17
C ALA D 45 11.95 -11.81 -21.52
N ILE D 46 10.77 -11.23 -21.72
CA ILE D 46 10.07 -11.32 -23.01
C ILE D 46 10.99 -10.91 -24.16
N LYS D 47 11.60 -9.73 -24.04
CA LYS D 47 12.40 -9.16 -25.13
C LYS D 47 13.64 -9.95 -25.45
N SER D 48 14.46 -10.26 -24.45
CA SER D 48 15.67 -11.06 -24.71
C SER D 48 15.24 -12.35 -25.37
N LEU D 49 13.98 -12.75 -25.15
CA LEU D 49 13.44 -13.95 -25.80
C LEU D 49 13.30 -13.73 -27.32
N GLN D 50 12.77 -12.58 -27.73
CA GLN D 50 12.72 -12.26 -29.17
C GLN D 50 14.12 -12.29 -29.76
N THR D 51 15.04 -11.57 -29.13
CA THR D 51 16.42 -11.48 -29.60
C THR D 51 17.01 -12.88 -29.76
N SER D 52 16.52 -13.82 -28.94
CA SER D 52 16.89 -15.22 -29.04
C SER D 52 16.14 -15.97 -30.14
N ASP D 53 15.14 -15.33 -30.73
CA ASP D 53 14.40 -15.91 -31.85
C ASP D 53 15.21 -15.85 -33.15
N LYS D 54 15.83 -14.69 -33.39
CA LYS D 54 16.47 -14.41 -34.67
C LYS D 54 17.58 -15.40 -35.01
N LEU D 55 17.94 -16.22 -34.03
CA LEU D 55 19.03 -17.16 -34.20
C LEU D 55 18.67 -18.56 -33.66
N GLU D 56 18.79 -19.57 -34.53
CA GLU D 56 18.42 -20.94 -34.21
C GLU D 56 16.90 -21.08 -34.05
#